data_6IFT
#
_entry.id   6IFT
#
_cell.length_a   45.200
_cell.length_b   81.970
_cell.length_c   47.120
_cell.angle_alpha   90.00
_cell.angle_beta   112.02
_cell.angle_gamma   90.00
#
_symmetry.space_group_name_H-M   'P 1 21 1'
#
loop_
_entity.id
_entity.type
_entity.pdbx_description
1 polymer 'Ribosomal RNA small subunit methyltransferase A'
2 non-polymer S-ADENOSYLMETHIONINE
3 water water
#
_entity_poly.entity_id   1
_entity_poly.type   'polypeptide(L)'
_entity_poly.pdbx_seq_one_letter_code
;MNKDIATPIRTKEILKKYGFSFKKSLGQNFLIDTNILNRIVDHAEVTEKTGVIEIGPGIGALTEQLAKRAKKVVAFEIDQ
RLLPILKDTLSPYENVTVIHQDVLKADVKSVIEEQFQDCDEIMVVANLPYYVTTPIIMKLLEEHLPLKGIVVMLQKEVAE
RMAADPSSKEYGSLSIAVQFYTEAKTVMIVPKTVFVPQPNVDSAVIRLILRDGPAVDVENESFFFQLIKASFAQRRKTLL
NNLVNNLPEGKAQKSTIEQVLEETNIDGKRRGESLSIEEFAALSNGLYKALF
;
_entity_poly.pdbx_strand_id   A
#
# COMPACT_ATOMS: atom_id res chain seq x y z
N MET A 1 24.36 -15.43 -1.57
CA MET A 1 23.79 -16.08 -0.40
C MET A 1 24.29 -15.45 0.89
N ASN A 2 25.49 -15.86 1.31
CA ASN A 2 26.09 -15.33 2.53
C ASN A 2 26.84 -14.03 2.26
N LYS A 3 27.26 -13.84 1.01
CA LYS A 3 28.00 -12.62 0.62
C LYS A 3 27.03 -11.48 0.35
N ASP A 4 25.71 -11.72 0.34
CA ASP A 4 24.71 -10.68 -0.14
C ASP A 4 24.63 -9.51 0.85
N ILE A 5 24.05 -8.40 0.42
CA ILE A 5 23.93 -7.20 1.24
C ILE A 5 23.24 -7.46 2.59
N ALA A 6 22.17 -8.22 2.51
CA ALA A 6 21.30 -8.43 3.65
C ALA A 6 21.78 -9.48 4.67
N THR A 7 23.04 -9.53 5.02
CA THR A 7 23.50 -10.34 6.15
C THR A 7 23.85 -9.31 7.20
N PRO A 8 23.71 -9.65 8.49
CA PRO A 8 24.02 -8.63 9.49
C PRO A 8 25.41 -8.01 9.41
N ILE A 9 26.44 -8.83 9.20
CA ILE A 9 27.81 -8.33 9.10
C ILE A 9 28.00 -7.48 7.85
N ARG A 10 27.52 -7.99 6.72
CA ARG A 10 27.64 -7.28 5.45
C ARG A 10 26.97 -5.91 5.52
N THR A 11 25.79 -5.87 6.14
CA THR A 11 25.03 -4.60 6.28
C THR A 11 25.82 -3.60 7.12
N LYS A 12 26.37 -4.08 8.23
CA LYS A 12 27.19 -3.23 9.10
C LYS A 12 28.46 -2.72 8.41
N GLU A 13 29.14 -3.61 7.69
CA GLU A 13 30.32 -3.22 6.95
C GLU A 13 30.01 -2.05 5.99
N ILE A 14 28.89 -2.12 5.28
CA ILE A 14 28.53 -1.07 4.33
C ILE A 14 28.28 0.27 5.00
N LEU A 15 27.48 0.18 6.02
CA LEU A 15 27.11 1.34 6.82
C LEU A 15 28.36 1.97 7.40
N LYS A 16 29.31 1.13 7.83
CA LYS A 16 30.52 1.68 8.36
C LYS A 16 31.42 2.32 7.27
N LYS A 17 31.56 1.66 6.12
CA LYS A 17 32.33 2.27 5.03
C LYS A 17 31.89 3.71 4.72
N TYR A 18 30.57 3.95 4.75
CA TYR A 18 30.03 5.25 4.45
C TYR A 18 29.71 6.12 5.64
N GLY A 19 29.93 5.60 6.84
CA GLY A 19 29.47 6.27 8.10
C GLY A 19 28.02 6.71 8.09
N PHE A 20 27.16 5.80 7.67
CA PHE A 20 25.76 6.09 7.52
C PHE A 20 25.04 6.12 8.88
N SER A 21 24.22 7.14 9.13
CA SER A 21 23.42 7.17 10.34
C SER A 21 21.95 7.14 9.98
N PHE A 22 21.20 6.33 10.65
CA PHE A 22 19.81 6.12 10.30
C PHE A 22 18.99 7.33 10.62
N LYS A 23 18.01 7.65 9.80
CA LYS A 23 17.05 8.69 10.16
C LYS A 23 15.73 8.09 10.45
N LYS A 24 15.34 8.07 11.71
CA LYS A 24 13.99 7.58 12.05
C LYS A 24 12.91 8.46 11.41
N SER A 25 13.20 9.74 11.15
CA SER A 25 12.28 10.60 10.37
C SER A 25 11.98 10.11 8.93
N LEU A 26 12.83 9.26 8.37
CA LEU A 26 12.59 8.67 7.05
C LEU A 26 12.22 7.18 7.09
N GLY A 27 11.86 6.67 8.25
CA GLY A 27 11.51 5.28 8.48
C GLY A 27 12.63 4.34 8.05
N GLN A 28 13.89 4.66 8.30
CA GLN A 28 15.00 3.81 7.88
C GLN A 28 15.26 2.57 8.81
N ASN A 29 14.75 1.43 8.38
CA ASN A 29 14.94 0.15 9.03
C ASN A 29 15.30 -0.84 7.96
N PHE A 30 16.53 -1.31 7.94
CA PHE A 30 17.02 -2.12 6.84
C PHE A 30 16.92 -3.62 7.16
N LEU A 31 16.51 -4.41 6.19
CA LEU A 31 16.38 -5.83 6.27
C LEU A 31 17.75 -6.49 6.26
N ILE A 32 17.95 -7.42 7.18
CA ILE A 32 19.16 -8.17 7.29
C ILE A 32 18.91 -9.69 7.36
N ASP A 33 17.88 -10.17 6.68
CA ASP A 33 17.51 -11.58 6.63
C ASP A 33 17.21 -11.95 5.18
N THR A 34 18.11 -12.69 4.56
CA THR A 34 18.02 -13.06 3.18
C THR A 34 16.79 -14.03 2.91
N ASN A 35 16.42 -14.86 3.85
CA ASN A 35 15.25 -15.78 3.66
C ASN A 35 13.92 -14.99 3.62
N ILE A 36 13.72 -14.07 4.57
CA ILE A 36 12.60 -13.09 4.52
C ILE A 36 12.54 -12.38 3.18
N LEU A 37 13.68 -11.84 2.75
CA LEU A 37 13.72 -11.05 1.50
C LEU A 37 13.32 -11.95 0.34
N ASN A 38 13.90 -13.16 0.29
CA ASN A 38 13.59 -14.11 -0.77
C ASN A 38 12.11 -14.48 -0.72
N ARG A 39 11.56 -14.56 0.48
CA ARG A 39 10.16 -14.90 0.67
C ARG A 39 9.27 -13.83 0.03
N ILE A 40 9.60 -12.58 0.29
CA ILE A 40 8.85 -11.45 -0.26
C ILE A 40 8.87 -11.50 -1.79
N VAL A 41 10.05 -11.78 -2.34
CA VAL A 41 10.22 -11.86 -3.81
C VAL A 41 9.37 -13.02 -4.36
N ASP A 42 9.34 -14.16 -3.66
CA ASP A 42 8.47 -15.27 -4.04
C ASP A 42 7.02 -14.86 -4.06
N HIS A 43 6.59 -14.21 -3.01
CA HIS A 43 5.15 -13.79 -2.92
C HIS A 43 4.73 -12.82 -4.02
N ALA A 44 5.70 -12.10 -4.57
CA ALA A 44 5.48 -11.19 -5.70
C ALA A 44 5.67 -11.82 -7.10
N GLU A 45 6.04 -13.10 -7.12
CA GLU A 45 6.27 -13.86 -8.33
C GLU A 45 7.12 -13.15 -9.33
N VAL A 46 8.26 -12.63 -8.91
CA VAL A 46 9.09 -11.84 -9.79
C VAL A 46 9.91 -12.77 -10.70
N THR A 47 9.79 -12.55 -11.99
CA THR A 47 10.57 -13.27 -13.00
C THR A 47 11.08 -12.34 -14.06
N GLU A 48 11.73 -12.87 -15.10
CA GLU A 48 12.04 -12.05 -16.30
C GLU A 48 10.78 -11.41 -16.99
N LYS A 49 9.58 -11.85 -16.68
CA LYS A 49 8.33 -11.18 -17.11
C LYS A 49 8.18 -9.75 -16.51
N THR A 50 8.85 -9.50 -15.35
CA THR A 50 8.42 -8.49 -14.42
C THR A 50 9.36 -7.30 -14.43
N GLY A 51 8.77 -6.11 -14.51
CA GLY A 51 9.43 -4.87 -14.20
C GLY A 51 8.96 -4.52 -12.79
N VAL A 52 9.87 -4.11 -11.90
CA VAL A 52 9.56 -3.89 -10.50
C VAL A 52 9.81 -2.44 -10.14
N ILE A 53 8.79 -1.82 -9.56
CA ILE A 53 8.94 -0.56 -8.87
C ILE A 53 9.22 -0.89 -7.41
N GLU A 54 10.35 -0.44 -6.94
CA GLU A 54 10.72 -0.48 -5.52
C GLU A 54 10.68 0.98 -4.96
N ILE A 55 10.14 1.10 -3.77
CA ILE A 55 10.12 2.31 -2.96
C ILE A 55 11.06 2.06 -1.77
N GLY A 56 12.04 2.93 -1.63
CA GLY A 56 12.88 2.92 -0.46
C GLY A 56 13.91 1.78 -0.46
N PRO A 57 14.81 1.80 -1.43
CA PRO A 57 15.84 0.72 -1.53
C PRO A 57 16.83 0.62 -0.38
N GLY A 58 17.01 1.68 0.40
CA GLY A 58 17.95 1.60 1.52
C GLY A 58 19.40 1.46 1.02
N ILE A 59 20.17 0.53 1.57
CA ILE A 59 21.46 0.11 0.94
C ILE A 59 21.41 -1.03 -0.05
N GLY A 60 20.20 -1.40 -0.41
CA GLY A 60 19.91 -2.30 -1.51
C GLY A 60 19.54 -3.72 -1.13
N ALA A 61 19.20 -3.98 0.11
CA ALA A 61 18.96 -5.37 0.55
C ALA A 61 17.88 -6.13 -0.29
N LEU A 62 16.73 -5.49 -0.48
CA LEU A 62 15.68 -6.07 -1.28
C LEU A 62 15.97 -5.84 -2.76
N THR A 63 16.56 -4.71 -3.11
CA THR A 63 16.84 -4.41 -4.48
C THR A 63 17.67 -5.53 -5.16
N GLU A 64 18.70 -5.97 -4.45
CA GLU A 64 19.55 -7.02 -4.90
C GLU A 64 18.78 -8.27 -5.19
N GLN A 65 17.90 -8.69 -4.27
CA GLN A 65 17.13 -9.91 -4.47
C GLN A 65 16.11 -9.81 -5.62
N LEU A 66 15.53 -8.62 -5.80
CA LEU A 66 14.70 -8.34 -6.90
C LEU A 66 15.49 -8.35 -8.25
N ALA A 67 16.66 -7.77 -8.23
CA ALA A 67 17.47 -7.61 -9.44
C ALA A 67 17.89 -8.96 -10.01
N LYS A 68 18.12 -9.96 -9.16
CA LYS A 68 18.52 -11.24 -9.63
C LYS A 68 17.40 -11.92 -10.45
N ARG A 69 16.12 -11.61 -10.19
CA ARG A 69 14.98 -12.26 -10.88
C ARG A 69 14.26 -11.44 -11.93
N ALA A 70 14.23 -10.12 -11.75
CA ALA A 70 13.42 -9.27 -12.59
C ALA A 70 14.12 -8.90 -13.88
N LYS A 71 13.33 -8.56 -14.90
CA LYS A 71 13.91 -7.97 -16.08
C LYS A 71 14.48 -6.61 -15.68
N LYS A 72 13.76 -5.83 -14.92
CA LYS A 72 14.21 -4.48 -14.60
C LYS A 72 13.65 -4.04 -13.28
N VAL A 73 14.47 -3.33 -12.54
CA VAL A 73 14.01 -2.63 -11.32
C VAL A 73 14.32 -1.16 -11.27
N VAL A 74 13.27 -0.38 -10.99
CA VAL A 74 13.40 1.03 -10.74
C VAL A 74 13.05 1.29 -9.30
N ALA A 75 13.97 1.95 -8.60
CA ALA A 75 13.82 2.21 -7.16
C ALA A 75 13.84 3.74 -6.83
N PHE A 76 12.80 4.17 -6.14
CA PHE A 76 12.70 5.57 -5.74
C PHE A 76 13.30 5.69 -4.37
N GLU A 77 14.34 6.49 -4.20
CA GLU A 77 14.87 6.72 -2.87
C GLU A 77 14.93 8.20 -2.58
N ILE A 78 14.44 8.61 -1.43
CA ILE A 78 14.34 10.06 -1.03
C ILE A 78 15.65 10.60 -0.43
N ASP A 79 16.44 9.69 0.15
CA ASP A 79 17.66 10.08 0.89
C ASP A 79 18.88 10.10 0.02
N GLN A 80 19.33 11.33 -0.28
CA GLN A 80 20.51 11.55 -1.13
C GLN A 80 21.78 10.82 -0.66
N ARG A 81 21.93 10.62 0.65
CA ARG A 81 23.08 9.95 1.21
C ARG A 81 23.20 8.49 0.77
N LEU A 82 22.06 7.83 0.52
CA LEU A 82 22.07 6.45 0.02
C LEU A 82 22.50 6.24 -1.44
N LEU A 83 22.42 7.31 -2.22
CA LEU A 83 22.68 7.16 -3.65
C LEU A 83 24.07 6.65 -3.99
N PRO A 84 25.14 7.25 -3.40
CA PRO A 84 26.50 6.70 -3.63
C PRO A 84 26.70 5.32 -3.08
N ILE A 85 25.97 5.01 -2.00
CA ILE A 85 26.06 3.66 -1.42
C ILE A 85 25.49 2.65 -2.42
N LEU A 86 24.27 2.92 -2.90
CA LEU A 86 23.64 2.01 -3.83
C LEU A 86 24.40 1.80 -5.10
N LYS A 87 25.04 2.86 -5.60
CA LYS A 87 25.96 2.76 -6.73
C LYS A 87 27.02 1.73 -6.51
N ASP A 88 27.51 1.61 -5.28
CA ASP A 88 28.53 0.65 -4.90
C ASP A 88 27.89 -0.76 -4.74
N THR A 89 26.89 -0.85 -3.86
CA THR A 89 26.37 -2.15 -3.46
C THR A 89 25.66 -2.85 -4.60
N LEU A 90 25.04 -2.11 -5.50
CA LEU A 90 24.35 -2.72 -6.64
C LEU A 90 25.13 -2.69 -8.00
N SER A 91 26.41 -2.28 -7.93
CA SER A 91 27.34 -2.40 -9.09
C SER A 91 27.35 -3.77 -9.80
N PRO A 92 27.11 -4.90 -9.11
CA PRO A 92 27.01 -6.10 -9.94
C PRO A 92 25.75 -6.21 -10.83
N TYR A 93 24.77 -5.31 -10.72
CA TYR A 93 23.49 -5.55 -11.34
C TYR A 93 23.38 -4.46 -12.34
N GLU A 94 23.13 -4.82 -13.59
CA GLU A 94 22.96 -3.82 -14.61
C GLU A 94 21.47 -3.52 -14.90
N ASN A 95 20.53 -4.18 -14.26
CA ASN A 95 19.14 -3.94 -14.52
C ASN A 95 18.42 -3.08 -13.47
N VAL A 96 19.16 -2.20 -12.80
CA VAL A 96 18.64 -1.36 -11.75
C VAL A 96 18.83 0.12 -12.04
N THR A 97 17.75 0.87 -11.84
CA THR A 97 17.76 2.31 -11.92
C THR A 97 17.28 2.88 -10.64
N VAL A 98 18.11 3.76 -10.05
CA VAL A 98 17.70 4.52 -8.88
C VAL A 98 17.33 5.94 -9.19
N ILE A 99 16.19 6.40 -8.71
CA ILE A 99 15.71 7.71 -8.95
C ILE A 99 15.63 8.36 -7.57
N HIS A 100 16.20 9.55 -7.47
CA HIS A 100 16.27 10.27 -6.22
C HIS A 100 15.03 11.13 -6.11
N GLN A 101 14.01 10.65 -5.42
CA GLN A 101 12.80 11.46 -5.28
C GLN A 101 11.72 10.83 -4.42
N ASP A 102 11.08 11.66 -3.59
CA ASP A 102 10.00 11.18 -2.73
C ASP A 102 8.92 10.62 -3.63
N VAL A 103 8.69 9.32 -3.52
CA VAL A 103 7.69 8.64 -4.37
C VAL A 103 6.34 9.35 -4.39
N LEU A 104 5.96 9.98 -3.29
CA LEU A 104 4.69 10.73 -3.27
C LEU A 104 4.64 11.95 -4.24
N LYS A 105 5.77 12.49 -4.69
CA LYS A 105 5.78 13.60 -5.66
C LYS A 105 6.07 13.09 -7.02
N ALA A 106 6.25 11.80 -7.18
CA ALA A 106 6.60 11.27 -8.52
C ALA A 106 5.38 11.09 -9.38
N ASP A 107 5.62 11.14 -10.68
CA ASP A 107 4.61 10.83 -11.67
C ASP A 107 4.90 9.39 -12.04
N VAL A 108 4.29 8.47 -11.31
CA VAL A 108 4.70 7.06 -11.46
C VAL A 108 4.30 6.54 -12.84
N LYS A 109 3.14 6.96 -13.35
CA LYS A 109 2.71 6.47 -14.68
C LYS A 109 3.70 6.84 -15.78
N SER A 110 4.24 8.05 -15.73
CA SER A 110 5.26 8.43 -16.71
C SER A 110 6.47 7.58 -16.54
N VAL A 111 6.89 7.34 -15.30
CA VAL A 111 8.04 6.53 -15.09
C VAL A 111 7.87 5.12 -15.66
N ILE A 112 6.68 4.59 -15.43
CA ILE A 112 6.38 3.25 -15.93
C ILE A 112 6.49 3.24 -17.47
N GLU A 113 5.90 4.24 -18.11
CA GLU A 113 6.00 4.42 -19.60
C GLU A 113 7.39 4.53 -20.12
N GLU A 114 8.23 5.29 -19.46
CA GLU A 114 9.60 5.46 -19.87
C GLU A 114 10.49 4.30 -19.57
N GLN A 115 10.23 3.53 -18.52
CA GLN A 115 11.21 2.53 -18.07
C GLN A 115 10.90 1.10 -18.39
N PHE A 116 9.63 0.76 -18.51
CA PHE A 116 9.26 -0.67 -18.56
C PHE A 116 8.62 -1.13 -19.91
N GLN A 117 8.90 -0.42 -21.01
CA GLN A 117 8.38 -0.74 -22.35
C GLN A 117 8.52 -2.19 -22.80
N ASP A 118 9.59 -2.84 -22.34
CA ASP A 118 9.84 -4.23 -22.68
C ASP A 118 9.41 -5.31 -21.63
N CYS A 119 8.61 -4.91 -20.66
CA CYS A 119 8.27 -5.84 -19.60
C CYS A 119 6.87 -6.35 -19.84
N ASP A 120 6.65 -7.61 -19.53
CA ASP A 120 5.34 -8.21 -19.67
C ASP A 120 4.33 -7.77 -18.61
N GLU A 121 4.81 -7.40 -17.40
CA GLU A 121 3.95 -7.16 -16.22
C GLU A 121 4.71 -6.23 -15.26
N ILE A 122 4.00 -5.42 -14.49
CA ILE A 122 4.66 -4.56 -13.55
C ILE A 122 4.15 -4.88 -12.12
N MET A 123 5.11 -5.04 -11.18
CA MET A 123 4.86 -5.16 -9.79
C MET A 123 5.52 -4.00 -8.99
N VAL A 124 4.85 -3.64 -7.91
CA VAL A 124 5.49 -2.85 -6.84
C VAL A 124 5.87 -3.87 -5.78
N VAL A 125 7.14 -3.90 -5.40
CA VAL A 125 7.63 -4.66 -4.27
C VAL A 125 8.55 -3.81 -3.41
N ALA A 126 8.29 -3.73 -2.13
CA ALA A 126 8.95 -2.76 -1.29
C ALA A 126 8.80 -3.06 0.19
N ASN A 127 9.86 -2.75 0.95
CA ASN A 127 9.78 -2.56 2.38
C ASN A 127 9.54 -1.10 2.66
N LEU A 128 8.29 -0.75 2.92
CA LEU A 128 7.89 0.66 2.96
C LEU A 128 8.35 1.38 4.20
N PRO A 129 8.66 2.69 4.09
CA PRO A 129 8.82 3.53 5.27
C PRO A 129 7.48 3.70 6.01
N TYR A 130 7.50 3.36 7.29
CA TYR A 130 6.25 3.27 8.03
C TYR A 130 5.54 4.57 8.21
N TYR A 131 6.24 5.69 8.34
CA TYR A 131 5.54 6.99 8.45
C TYR A 131 4.64 7.40 7.29
N VAL A 132 4.77 6.83 6.09
CA VAL A 132 3.91 7.20 4.98
C VAL A 132 3.41 5.94 4.19
N THR A 133 3.24 4.82 4.90
CA THR A 133 2.79 3.59 4.29
C THR A 133 1.42 3.82 3.58
N THR A 134 0.44 4.34 4.33
CA THR A 134 -0.92 4.54 3.81
C THR A 134 -0.99 5.57 2.69
N PRO A 135 -0.27 6.71 2.84
CA PRO A 135 -0.23 7.59 1.68
C PRO A 135 0.30 6.96 0.42
N ILE A 136 1.30 6.13 0.55
CA ILE A 136 1.90 5.54 -0.62
C ILE A 136 0.90 4.58 -1.25
N ILE A 137 0.30 3.71 -0.47
CA ILE A 137 -0.66 2.74 -1.03
C ILE A 137 -1.86 3.44 -1.65
N MET A 138 -2.39 4.44 -0.99
CA MET A 138 -3.48 5.25 -1.57
C MET A 138 -3.08 5.93 -2.86
N LYS A 139 -1.88 6.47 -2.91
CA LYS A 139 -1.47 7.08 -4.15
C LYS A 139 -1.43 6.08 -5.29
N LEU A 140 -0.76 4.97 -5.06
CA LEU A 140 -0.64 3.97 -6.10
C LEU A 140 -2.00 3.47 -6.55
N LEU A 141 -2.92 3.24 -5.63
CA LEU A 141 -4.21 2.72 -6.04
C LEU A 141 -5.13 3.76 -6.71
N GLU A 142 -5.09 4.99 -6.20
CA GLU A 142 -5.99 6.08 -6.66
C GLU A 142 -5.76 6.49 -8.11
N GLU A 143 -4.52 6.29 -8.54
CA GLU A 143 -4.07 6.71 -9.82
C GLU A 143 -4.20 5.67 -10.93
N HIS A 144 -4.97 4.61 -10.67
CA HIS A 144 -5.29 3.56 -11.64
C HIS A 144 -4.05 3.18 -12.48
N LEU A 145 -2.92 2.91 -11.82
CA LEU A 145 -1.66 2.56 -12.49
C LEU A 145 -1.77 1.19 -13.08
N PRO A 146 -1.06 0.91 -14.19
CA PRO A 146 -1.19 -0.41 -14.86
C PRO A 146 -0.31 -1.52 -14.24
N LEU A 147 -0.64 -1.84 -12.99
CA LEU A 147 0.09 -2.78 -12.16
C LEU A 147 -0.64 -4.09 -12.10
N LYS A 148 0.11 -5.15 -12.11
CA LYS A 148 -0.43 -6.47 -11.77
C LYS A 148 -0.71 -6.56 -10.28
N GLY A 149 0.21 -6.02 -9.46
CA GLY A 149 0.08 -6.17 -8.05
C GLY A 149 1.13 -5.42 -7.24
N ILE A 150 0.95 -5.45 -5.92
CA ILE A 150 1.73 -4.69 -4.90
C ILE A 150 2.00 -5.61 -3.74
N VAL A 151 3.27 -5.88 -3.50
CA VAL A 151 3.68 -6.68 -2.39
C VAL A 151 4.62 -5.85 -1.56
N VAL A 152 4.21 -5.58 -0.31
CA VAL A 152 4.94 -4.70 0.57
C VAL A 152 4.95 -5.11 2.04
N MET A 153 6.04 -4.73 2.68
CA MET A 153 6.24 -4.84 4.10
C MET A 153 5.85 -3.51 4.71
N LEU A 154 5.04 -3.62 5.74
CA LEU A 154 4.48 -2.43 6.41
C LEU A 154 4.06 -2.84 7.84
N GLN A 155 3.51 -1.92 8.61
CA GLN A 155 3.14 -2.21 9.98
C GLN A 155 2.09 -3.29 9.94
N LYS A 156 2.18 -4.24 10.86
CA LYS A 156 1.13 -5.26 11.02
C LYS A 156 -0.30 -4.79 11.10
N GLU A 157 -0.54 -3.84 11.99
CA GLU A 157 -1.87 -3.23 12.21
C GLU A 157 -2.44 -2.63 10.91
N VAL A 158 -1.59 -1.94 10.12
CA VAL A 158 -2.00 -1.46 8.79
C VAL A 158 -2.34 -2.59 7.83
N ALA A 159 -1.49 -3.62 7.67
CA ALA A 159 -1.90 -4.78 6.86
C ALA A 159 -3.27 -5.39 7.25
N GLU A 160 -3.45 -5.50 8.55
CA GLU A 160 -4.65 -6.10 9.08
C GLU A 160 -5.94 -5.31 8.71
N ARG A 161 -5.80 -3.98 8.70
CA ARG A 161 -6.91 -3.12 8.29
C ARG A 161 -7.10 -3.23 6.77
N MET A 162 -5.99 -3.24 6.01
CA MET A 162 -6.12 -3.35 4.54
C MET A 162 -6.80 -4.59 4.09
N ALA A 163 -6.43 -5.70 4.67
CA ALA A 163 -6.96 -7.00 4.35
C ALA A 163 -8.12 -7.39 5.16
N ALA A 164 -8.71 -6.49 5.99
CA ALA A 164 -9.70 -6.94 6.93
C ALA A 164 -10.94 -7.62 6.32
N ASP A 165 -11.36 -8.72 6.95
CA ASP A 165 -12.65 -9.38 6.64
C ASP A 165 -13.74 -8.51 7.32
N PRO A 166 -14.98 -8.50 6.80
CA PRO A 166 -16.02 -7.70 7.48
C PRO A 166 -16.29 -8.06 8.94
N SER A 167 -15.97 -9.28 9.41
CA SER A 167 -16.14 -9.58 10.79
C SER A 167 -14.97 -9.08 11.68
N SER A 168 -13.88 -8.59 11.07
CA SER A 168 -12.68 -8.23 11.84
C SER A 168 -12.87 -6.88 12.51
N LYS A 169 -12.29 -6.71 13.69
CA LYS A 169 -12.35 -5.44 14.39
C LYS A 169 -11.58 -4.36 13.62
N GLU A 170 -10.81 -4.77 12.61
CA GLU A 170 -9.97 -3.85 11.81
C GLU A 170 -10.63 -3.42 10.54
N TYR A 171 -11.80 -4.00 10.26
CA TYR A 171 -12.63 -3.58 9.14
C TYR A 171 -12.97 -2.12 9.27
N GLY A 172 -12.67 -1.39 8.22
CA GLY A 172 -12.82 0.06 8.25
C GLY A 172 -12.76 0.67 6.88
N SER A 173 -12.73 2.01 6.88
CA SER A 173 -12.74 2.76 5.61
C SER A 173 -11.51 2.31 4.78
N LEU A 174 -10.39 2.03 5.46
CA LEU A 174 -9.19 1.61 4.78
C LEU A 174 -9.38 0.24 4.12
N SER A 175 -9.97 -0.72 4.79
CA SER A 175 -10.30 -2.01 4.14
C SER A 175 -11.03 -1.78 2.84
N ILE A 176 -12.00 -0.90 2.88
CA ILE A 176 -12.91 -0.77 1.73
C ILE A 176 -12.14 -0.13 0.58
N ALA A 177 -11.38 0.90 0.88
CA ALA A 177 -10.55 1.59 -0.07
C ALA A 177 -9.60 0.63 -0.78
N VAL A 178 -8.88 -0.22 -0.03
CA VAL A 178 -7.96 -1.14 -0.63
C VAL A 178 -8.68 -2.22 -1.41
N GLN A 179 -9.76 -2.73 -0.86
CA GLN A 179 -10.48 -3.86 -1.49
C GLN A 179 -11.42 -3.48 -2.67
N PHE A 180 -11.68 -2.20 -2.83
CA PHE A 180 -12.33 -1.66 -4.02
C PHE A 180 -11.44 -1.90 -5.28
N TYR A 181 -10.13 -1.66 -5.11
CA TYR A 181 -9.20 -1.78 -6.23
C TYR A 181 -8.49 -3.13 -6.39
N THR A 182 -8.35 -3.86 -5.27
CA THR A 182 -7.55 -5.07 -5.16
C THR A 182 -8.18 -6.18 -4.35
N GLU A 183 -7.65 -7.36 -4.58
CA GLU A 183 -7.82 -8.47 -3.63
C GLU A 183 -6.63 -8.43 -2.70
N ALA A 184 -6.89 -8.38 -1.41
CA ALA A 184 -5.85 -8.12 -0.41
C ALA A 184 -5.70 -9.30 0.53
N LYS A 185 -4.47 -9.67 0.83
CA LYS A 185 -4.20 -10.75 1.72
C LYS A 185 -2.90 -10.57 2.45
N THR A 186 -2.91 -10.67 3.78
CA THR A 186 -1.71 -10.54 4.55
C THR A 186 -1.01 -11.94 4.42
N VAL A 187 0.20 -11.98 3.91
CA VAL A 187 0.86 -13.28 3.57
C VAL A 187 1.94 -13.72 4.49
N MET A 188 2.59 -12.80 5.19
CA MET A 188 3.65 -13.07 6.17
C MET A 188 3.60 -12.11 7.35
N ILE A 189 4.09 -12.57 8.47
CA ILE A 189 4.31 -11.78 9.69
C ILE A 189 5.78 -11.96 9.97
N VAL A 190 6.46 -10.88 10.27
CA VAL A 190 7.90 -10.82 10.37
C VAL A 190 8.29 -10.26 11.75
N PRO A 191 9.24 -10.93 12.44
CA PRO A 191 9.65 -10.31 13.70
C PRO A 191 10.47 -9.06 13.51
N LYS A 192 10.55 -8.26 14.55
CA LYS A 192 11.37 -7.07 14.53
C LYS A 192 12.87 -7.39 14.37
N THR A 193 13.27 -8.59 14.73
CA THR A 193 14.69 -8.95 14.74
C THR A 193 15.28 -9.08 13.34
N VAL A 194 14.47 -9.01 12.30
CA VAL A 194 15.08 -9.12 10.99
C VAL A 194 15.46 -7.75 10.41
N PHE A 195 15.35 -6.66 11.18
CA PHE A 195 15.74 -5.30 10.73
C PHE A 195 16.81 -4.69 11.61
N VAL A 196 17.57 -3.74 11.08
CA VAL A 196 18.44 -2.89 11.88
C VAL A 196 18.16 -1.44 11.49
N PRO A 197 17.96 -0.55 12.46
CA PRO A 197 17.50 -0.88 13.81
C PRO A 197 16.15 -1.60 13.80
N GLN A 198 15.79 -2.21 14.91
CA GLN A 198 14.53 -2.92 15.01
C GLN A 198 13.42 -1.90 15.07
N PRO A 199 12.32 -2.10 14.33
CA PRO A 199 11.24 -1.15 14.53
C PRO A 199 10.50 -1.27 15.89
N ASN A 200 9.77 -0.20 16.23
CA ASN A 200 8.98 -0.08 17.48
C ASN A 200 7.74 -0.93 17.41
N VAL A 201 7.15 -1.08 16.22
CA VAL A 201 5.92 -1.88 16.07
C VAL A 201 6.19 -3.16 15.27
N ASP A 202 5.18 -4.02 15.24
CA ASP A 202 5.25 -5.26 14.49
C ASP A 202 5.17 -4.99 12.98
N SER A 203 5.60 -5.97 12.21
CA SER A 203 5.63 -5.92 10.70
C SER A 203 4.96 -7.09 10.01
N ALA A 204 4.44 -6.85 8.83
CA ALA A 204 3.79 -7.84 8.02
C ALA A 204 4.01 -7.55 6.54
N VAL A 205 3.80 -8.56 5.69
CA VAL A 205 3.87 -8.42 4.26
C VAL A 205 2.45 -8.68 3.68
N ILE A 206 1.93 -7.68 3.00
CA ILE A 206 0.63 -7.78 2.35
C ILE A 206 0.76 -7.89 0.84
N ARG A 207 -0.12 -8.70 0.26
CA ARG A 207 -0.17 -8.92 -1.18
C ARG A 207 -1.49 -8.40 -1.74
N LEU A 208 -1.40 -7.42 -2.64
CA LEU A 208 -2.55 -6.80 -3.27
C LEU A 208 -2.50 -7.14 -4.75
N ILE A 209 -3.56 -7.83 -5.25
CA ILE A 209 -3.69 -8.15 -6.66
C ILE A 209 -4.73 -7.21 -7.27
N LEU A 210 -4.31 -6.34 -8.21
CA LEU A 210 -5.21 -5.40 -8.88
C LEU A 210 -6.34 -6.16 -9.60
N ARG A 211 -7.56 -5.76 -9.31
CA ARG A 211 -8.74 -6.35 -9.93
C ARG A 211 -8.83 -5.80 -11.37
N ASP A 212 -9.45 -6.56 -12.26
CA ASP A 212 -9.77 -6.09 -13.58
C ASP A 212 -11.06 -5.26 -13.43
N GLY A 213 -10.92 -3.98 -13.18
CA GLY A 213 -12.06 -3.11 -12.93
C GLY A 213 -12.53 -3.18 -11.47
N PRO A 214 -13.22 -2.14 -11.03
CA PRO A 214 -13.50 -1.97 -9.59
C PRO A 214 -14.38 -3.09 -9.02
N ALA A 215 -14.28 -3.32 -7.70
CA ALA A 215 -15.01 -4.40 -7.05
C ALA A 215 -16.58 -4.26 -7.14
N VAL A 216 -17.05 -3.02 -7.23
CA VAL A 216 -18.48 -2.71 -7.24
C VAL A 216 -18.68 -1.63 -8.25
N ASP A 217 -19.91 -1.53 -8.70
CA ASP A 217 -20.27 -0.57 -9.69
C ASP A 217 -20.87 0.65 -9.03
N VAL A 218 -20.13 1.75 -9.07
CA VAL A 218 -20.62 3.01 -8.56
C VAL A 218 -20.54 4.10 -9.59
N GLU A 219 -21.62 4.90 -9.61
CA GLU A 219 -21.76 6.12 -10.37
C GLU A 219 -20.54 6.95 -10.25
N ASN A 220 -20.14 7.23 -9.00
CA ASN A 220 -19.19 8.30 -8.70
C ASN A 220 -18.23 7.90 -7.59
N GLU A 221 -16.97 7.69 -7.94
CA GLU A 221 -15.98 7.19 -6.98
C GLU A 221 -15.73 8.15 -5.88
N SER A 222 -15.68 9.43 -6.21
CA SER A 222 -15.33 10.43 -5.24
C SER A 222 -16.34 10.44 -4.10
N PHE A 223 -17.59 10.51 -4.51
CA PHE A 223 -18.73 10.43 -3.63
C PHE A 223 -18.73 9.13 -2.82
N PHE A 224 -18.50 8.01 -3.47
CA PHE A 224 -18.40 6.72 -2.78
C PHE A 224 -17.40 6.78 -1.63
N PHE A 225 -16.21 7.27 -1.89
CA PHE A 225 -15.18 7.32 -0.83
C PHE A 225 -15.51 8.30 0.27
N GLN A 226 -16.12 9.42 -0.09
CA GLN A 226 -16.52 10.32 1.00
C GLN A 226 -17.63 9.71 1.86
N LEU A 227 -18.54 9.00 1.25
CA LEU A 227 -19.60 8.33 1.99
C LEU A 227 -19.01 7.28 2.98
N ILE A 228 -18.06 6.52 2.50
CA ILE A 228 -17.35 5.50 3.30
C ILE A 228 -16.74 6.19 4.50
N LYS A 229 -16.08 7.32 4.25
CA LYS A 229 -15.39 7.96 5.37
C LYS A 229 -16.39 8.45 6.43
N ALA A 230 -17.47 9.11 5.98
CA ALA A 230 -18.55 9.61 6.84
C ALA A 230 -19.22 8.45 7.63
N SER A 231 -19.34 7.29 6.98
CA SER A 231 -20.07 6.16 7.60
C SER A 231 -19.31 5.53 8.76
N PHE A 232 -17.96 5.53 8.67
CA PHE A 232 -17.13 4.92 9.69
C PHE A 232 -16.66 5.91 10.73
N ALA A 233 -17.18 7.13 10.77
CA ALA A 233 -16.47 8.20 11.46
C ALA A 233 -16.49 7.94 12.99
N GLN A 234 -17.61 7.43 13.54
CA GLN A 234 -17.66 7.02 14.96
C GLN A 234 -18.07 5.53 15.07
N ARG A 235 -17.15 4.67 15.57
CA ARG A 235 -17.40 3.20 15.63
C ARG A 235 -18.78 2.83 16.16
N ARG A 236 -19.20 3.49 17.23
CA ARG A 236 -20.37 2.97 18.03
C ARG A 236 -21.72 3.52 17.54
N LYS A 237 -21.71 4.54 16.70
CA LYS A 237 -22.96 5.22 16.29
C LYS A 237 -23.66 4.57 15.10
N THR A 238 -24.93 4.91 14.94
CA THR A 238 -25.66 4.34 13.84
C THR A 238 -25.15 4.93 12.55
N LEU A 239 -25.35 4.17 11.48
CA LEU A 239 -25.08 4.65 10.18
C LEU A 239 -25.78 6.02 9.92
N LEU A 240 -27.07 6.10 10.22
CA LEU A 240 -27.78 7.37 10.05
C LEU A 240 -27.11 8.52 10.76
N ASN A 241 -26.79 8.30 12.02
CA ASN A 241 -26.13 9.33 12.81
C ASN A 241 -24.80 9.79 12.19
N ASN A 242 -23.98 8.82 11.81
CA ASN A 242 -22.74 9.13 11.12
C ASN A 242 -22.91 9.98 9.81
N LEU A 243 -23.94 9.67 9.03
CA LEU A 243 -24.19 10.36 7.80
C LEU A 243 -24.68 11.77 8.06
N VAL A 244 -25.58 11.91 9.03
CA VAL A 244 -26.12 13.22 9.31
C VAL A 244 -24.99 14.15 9.77
N ASN A 245 -24.10 13.62 10.60
CA ASN A 245 -23.04 14.38 11.18
C ASN A 245 -21.80 14.51 10.37
N ASN A 246 -21.58 13.66 9.36
CA ASN A 246 -20.33 13.70 8.64
C ASN A 246 -20.40 14.00 7.13
N LEU A 247 -21.57 13.88 6.49
CA LEU A 247 -21.71 14.31 5.13
C LEU A 247 -22.11 15.79 5.26
N PRO A 248 -21.55 16.66 4.43
CA PRO A 248 -22.06 18.06 4.55
C PRO A 248 -23.51 18.21 4.11
N GLU A 249 -24.01 17.27 3.34
CA GLU A 249 -25.41 17.27 3.02
C GLU A 249 -26.23 16.72 4.20
N GLY A 250 -25.59 16.11 5.19
CA GLY A 250 -26.29 15.38 6.21
C GLY A 250 -27.32 16.14 6.98
N LYS A 251 -26.94 17.29 7.48
CA LYS A 251 -27.87 18.03 8.30
C LYS A 251 -28.80 18.88 7.48
N ALA A 252 -28.54 19.05 6.20
CA ALA A 252 -29.45 19.83 5.36
C ALA A 252 -30.51 18.96 4.72
N GLN A 253 -30.13 17.72 4.43
CA GLN A 253 -30.97 16.80 3.70
C GLN A 253 -31.30 15.48 4.47
N LYS A 254 -31.44 15.56 5.77
CA LYS A 254 -31.56 14.34 6.55
C LYS A 254 -32.73 13.49 6.09
N SER A 255 -33.90 14.11 5.89
CA SER A 255 -35.07 13.36 5.42
C SER A 255 -34.84 12.61 4.11
N THR A 256 -34.05 13.20 3.19
CA THR A 256 -33.74 12.53 1.94
C THR A 256 -32.82 11.33 2.17
N ILE A 257 -31.90 11.51 3.08
CA ILE A 257 -31.01 10.38 3.45
C ILE A 257 -31.86 9.22 4.06
N GLU A 258 -32.81 9.55 4.93
CA GLU A 258 -33.71 8.53 5.52
C GLU A 258 -34.52 7.83 4.43
N GLN A 259 -34.95 8.57 3.44
CA GLN A 259 -35.76 7.98 2.32
C GLN A 259 -34.95 7.01 1.47
N VAL A 260 -33.75 7.43 1.09
CA VAL A 260 -32.81 6.57 0.42
C VAL A 260 -32.43 5.27 1.15
N LEU A 261 -32.20 5.35 2.46
CA LEU A 261 -31.93 4.16 3.29
C LEU A 261 -33.10 3.19 3.23
N GLU A 262 -34.29 3.76 3.37
CA GLU A 262 -35.53 2.98 3.19
C GLU A 262 -35.61 2.37 1.78
N GLU A 263 -35.40 3.17 0.74
CA GLU A 263 -35.46 2.69 -0.61
C GLU A 263 -34.40 1.65 -0.94
N THR A 264 -33.17 1.78 -0.45
CA THR A 264 -32.13 0.74 -0.64
C THR A 264 -32.16 -0.38 0.36
N ASN A 265 -33.22 -0.47 1.17
CA ASN A 265 -33.34 -1.58 2.10
C ASN A 265 -32.22 -1.71 3.13
N ILE A 266 -31.70 -0.58 3.58
CA ILE A 266 -30.62 -0.57 4.56
C ILE A 266 -31.05 0.13 5.85
N ASP A 267 -31.22 -0.65 6.90
CA ASP A 267 -31.64 -0.11 8.19
C ASP A 267 -30.63 0.90 8.72
N GLY A 268 -31.07 2.15 8.85
CA GLY A 268 -30.20 3.21 9.34
C GLY A 268 -29.62 2.90 10.70
N LYS A 269 -30.41 2.25 11.55
CA LYS A 269 -29.97 1.90 12.86
C LYS A 269 -28.78 0.96 12.97
N ARG A 270 -28.39 0.28 11.90
CA ARG A 270 -27.21 -0.53 11.94
C ARG A 270 -26.01 0.39 12.07
N ARG A 271 -24.90 -0.15 12.48
CA ARG A 271 -23.65 0.62 12.46
C ARG A 271 -23.12 0.70 11.05
N GLY A 272 -22.40 1.79 10.72
CA GLY A 272 -21.76 1.92 9.44
C GLY A 272 -20.82 0.79 9.22
N GLU A 273 -20.15 0.37 10.29
CA GLU A 273 -19.18 -0.71 10.12
C GLU A 273 -19.70 -2.06 9.77
N SER A 274 -21.03 -2.22 9.93
CA SER A 274 -21.70 -3.43 9.45
C SER A 274 -21.91 -3.56 7.94
N LEU A 275 -21.71 -2.53 7.18
CA LEU A 275 -22.05 -2.54 5.79
C LEU A 275 -20.96 -3.20 5.01
N SER A 276 -21.37 -3.99 4.04
CA SER A 276 -20.50 -4.57 3.11
C SER A 276 -20.22 -3.54 2.01
N ILE A 277 -19.18 -3.78 1.24
CA ILE A 277 -18.90 -2.95 0.04
C ILE A 277 -20.03 -2.94 -0.99
N GLU A 278 -20.79 -4.02 -1.11
CA GLU A 278 -21.95 -3.99 -2.01
C GLU A 278 -23.07 -3.03 -1.51
N GLU A 279 -23.36 -3.07 -0.20
CA GLU A 279 -24.37 -2.20 0.38
C GLU A 279 -23.90 -0.75 0.26
N PHE A 280 -22.60 -0.50 0.56
CA PHE A 280 -22.05 0.84 0.38
C PHE A 280 -22.25 1.35 -1.10
N ALA A 281 -21.99 0.48 -2.08
CA ALA A 281 -22.21 0.86 -3.48
C ALA A 281 -23.70 1.23 -3.73
N ALA A 282 -24.64 0.41 -3.24
CA ALA A 282 -26.06 0.66 -3.43
C ALA A 282 -26.47 2.02 -2.79
N LEU A 283 -26.00 2.21 -1.54
CA LEU A 283 -26.30 3.40 -0.76
C LEU A 283 -25.72 4.61 -1.48
N SER A 284 -24.50 4.47 -1.98
CA SER A 284 -23.81 5.57 -2.65
C SER A 284 -24.51 5.99 -3.94
N ASN A 285 -24.92 5.04 -4.74
CA ASN A 285 -25.62 5.39 -5.98
C ASN A 285 -26.95 6.06 -5.64
N GLY A 286 -27.71 5.50 -4.71
CA GLY A 286 -28.96 6.11 -4.32
C GLY A 286 -28.80 7.53 -3.82
N LEU A 287 -27.83 7.75 -2.92
CA LEU A 287 -27.58 9.05 -2.38
C LEU A 287 -27.07 10.09 -3.41
N TYR A 288 -26.15 9.67 -4.23
CA TYR A 288 -25.63 10.53 -5.25
C TYR A 288 -26.79 11.12 -6.16
N LYS A 289 -27.75 10.28 -6.60
CA LYS A 289 -28.89 10.75 -7.40
C LYS A 289 -29.73 11.73 -6.59
N ALA A 290 -30.09 11.33 -5.38
CA ALA A 290 -30.88 12.18 -4.49
C ALA A 290 -30.12 13.45 -4.12
N LEU A 291 -28.95 13.28 -3.51
CA LEU A 291 -28.13 14.41 -3.10
C LEU A 291 -28.01 15.44 -4.21
N PHE A 292 -27.77 14.96 -5.43
CA PHE A 292 -27.63 15.84 -6.59
C PHE A 292 -28.73 15.57 -7.62
#